data_8Q81
#
_entry.id   8Q81
#
_cell.length_a   56.611
_cell.length_b   69.620
_cell.length_c   76.245
_cell.angle_alpha   90.000
_cell.angle_beta   90.000
_cell.angle_gamma   90.000
#
_symmetry.space_group_name_H-M   'P 21 21 21'
#
loop_
_entity.id
_entity.type
_entity.pdbx_description
1 polymer 'Photorhabdus luminescens subsp. laumondii TTO1 complete genome segment 3/17'
2 non-polymer 'methyl alpha-L-fucopyranoside'
3 non-polymer 1,2-ETHANEDIOL
4 non-polymer DI(HYDROXYETHYL)ETHER
5 water water
#
_entity_poly.entity_id   1
_entity_poly.type   'polypeptide(L)'
_entity_poly.pdbx_seq_one_letter_code
;MKKESINTSGPDNTKSSISDEIEISNEISWTALSGVISAANNADGRLEVFGVGTNNAVWHNWQTVPNTGSSWSGWHSLNE
GATSKPAVHINSDGRLEVFVRGTDNALWHNWQTVPGAGWSGWQSLGGQITSNPVVYINSDGRLEVFARGADNALWHIWQT
APHAGPWSNWQSLNGVLTSDPTVYVNASGRPEVFARSNDYSLWYIKQTASHTYPWTNWQSLSGVITSNPVVISNSDGRLE
VFARGSDNALWHIWQVAPNAGWTNWRSLSGIITSDPAVHINADGRLEVFARGPDNALWHIWQTATSDAWSEWTSLSGVIT
SAPTVAKNSDGWLEVFARGANNALCHIQQTTSSWSTWTSLGGNLIDASAIK
;
_entity_poly.pdbx_strand_id   A
#
# COMPACT_ATOMS: atom_id res chain seq x y z
N TRP A 30 -17.15 -1.42 9.54
CA TRP A 30 -17.12 -1.84 8.11
C TRP A 30 -15.69 -1.79 7.57
N THR A 31 -14.79 -2.52 8.25
CA THR A 31 -13.38 -2.56 7.92
C THR A 31 -13.06 -3.99 7.50
N ALA A 32 -12.05 -4.16 6.63
CA ALA A 32 -11.64 -5.49 6.17
C ALA A 32 -10.23 -5.74 6.72
N LEU A 33 -9.82 -6.98 6.70
CA LEU A 33 -8.50 -7.33 7.20
C LEU A 33 -7.40 -6.67 6.33
N SER A 34 -6.50 -5.97 7.01
CA SER A 34 -5.37 -5.27 6.44
C SER A 34 -4.26 -6.25 6.04
N GLY A 35 -3.35 -5.76 5.18
CA GLY A 35 -2.03 -6.38 5.06
C GLY A 35 -1.22 -6.22 6.34
N VAL A 36 -0.21 -7.10 6.54
CA VAL A 36 0.60 -7.06 7.74
C VAL A 36 2.05 -6.71 7.46
N ILE A 37 2.42 -6.48 6.18
CA ILE A 37 3.74 -5.94 5.88
C ILE A 37 3.61 -4.82 4.85
N SER A 38 4.72 -4.11 4.70
N SER A 38 4.67 -4.03 4.75
CA SER A 38 5.02 -3.18 3.63
CA SER A 38 4.91 -3.29 3.53
C SER A 38 6.30 -3.64 2.97
C SER A 38 6.22 -3.76 2.94
N ALA A 39 6.32 -3.62 1.63
CA ALA A 39 7.47 -4.12 0.88
C ALA A 39 7.97 -3.02 -0.02
N ALA A 40 9.27 -3.10 -0.28
CA ALA A 40 9.89 -2.23 -1.29
C ALA A 40 11.07 -2.96 -1.89
N ASN A 41 11.45 -2.50 -3.11
CA ASN A 41 12.75 -2.86 -3.64
C ASN A 41 13.82 -1.87 -3.16
N ASN A 42 14.96 -2.43 -2.75
CA ASN A 42 16.19 -1.68 -2.60
C ASN A 42 16.63 -1.15 -3.97
N ALA A 43 17.57 -0.22 -3.95
CA ALA A 43 18.07 0.38 -5.15
C ALA A 43 18.60 -0.69 -6.10
N ASP A 44 19.19 -1.73 -5.55
CA ASP A 44 19.77 -2.83 -6.32
C ASP A 44 18.74 -3.89 -6.73
N GLY A 45 17.45 -3.70 -6.39
CA GLY A 45 16.41 -4.65 -6.78
C GLY A 45 15.93 -5.57 -5.67
N ARG A 46 16.72 -5.78 -4.60
CA ARG A 46 16.34 -6.78 -3.59
C ARG A 46 15.10 -6.31 -2.84
N LEU A 47 14.12 -7.19 -2.76
CA LEU A 47 12.93 -6.90 -1.97
C LEU A 47 13.27 -6.94 -0.50
N GLU A 48 12.53 -6.09 0.24
CA GLU A 48 12.65 -6.02 1.69
C GLU A 48 11.27 -5.76 2.27
N VAL A 49 10.96 -6.47 3.36
CA VAL A 49 9.65 -6.39 3.95
C VAL A 49 9.75 -5.93 5.39
N PHE A 50 8.71 -5.22 5.81
CA PHE A 50 8.64 -4.62 7.14
C PHE A 50 7.29 -4.99 7.74
N GLY A 51 7.30 -5.49 8.99
CA GLY A 51 6.07 -5.82 9.68
C GLY A 51 6.25 -5.65 11.19
N VAL A 52 5.18 -5.76 11.94
CA VAL A 52 5.22 -5.65 13.38
C VAL A 52 5.20 -7.05 14.00
N GLY A 53 6.22 -7.29 14.84
CA GLY A 53 6.35 -8.57 15.50
C GLY A 53 5.50 -8.67 16.77
N THR A 54 5.52 -9.86 17.39
CA THR A 54 4.74 -10.14 18.57
C THR A 54 5.16 -9.26 19.74
N ASN A 55 6.40 -8.78 19.75
CA ASN A 55 6.89 -7.84 20.77
C ASN A 55 6.61 -6.38 20.46
N ASN A 56 5.79 -6.13 19.43
CA ASN A 56 5.36 -4.78 19.07
C ASN A 56 6.44 -3.94 18.41
N ALA A 57 7.59 -4.52 18.05
CA ALA A 57 8.61 -3.80 17.32
C ALA A 57 8.41 -4.04 15.84
N VAL A 58 8.93 -3.10 15.05
CA VAL A 58 9.05 -3.27 13.61
C VAL A 58 10.26 -4.18 13.36
N TRP A 59 10.02 -5.27 12.60
CA TRP A 59 11.10 -6.10 12.10
C TRP A 59 11.14 -6.06 10.59
N HIS A 60 12.28 -6.46 10.00
CA HIS A 60 12.43 -6.49 8.56
C HIS A 60 13.24 -7.71 8.14
N ASN A 61 13.09 -8.07 6.87
CA ASN A 61 13.64 -9.27 6.24
C ASN A 61 13.84 -8.92 4.78
N TRP A 62 14.96 -9.32 4.18
CA TRP A 62 15.27 -8.93 2.81
C TRP A 62 15.85 -10.11 2.02
N GLN A 63 15.62 -10.03 0.73
CA GLN A 63 16.36 -10.88 -0.20
C GLN A 63 17.82 -10.49 -0.10
N THR A 64 18.69 -11.54 -0.09
CA THR A 64 20.13 -11.30 -0.07
C THR A 64 20.69 -11.05 -1.48
N VAL A 65 19.96 -11.43 -2.53
CA VAL A 65 20.27 -11.06 -3.92
C VAL A 65 18.95 -10.89 -4.66
N PRO A 66 18.89 -10.09 -5.72
CA PRO A 66 17.61 -9.88 -6.39
C PRO A 66 17.04 -11.18 -6.98
N ASN A 67 15.70 -11.27 -7.05
CA ASN A 67 14.97 -12.28 -7.81
C ASN A 67 14.92 -13.67 -7.16
N THR A 68 15.62 -13.87 -6.04
CA THR A 68 15.72 -15.19 -5.40
C THR A 68 14.32 -15.69 -5.01
N GLY A 69 14.14 -17.02 -5.00
CA GLY A 69 12.99 -17.66 -4.39
C GLY A 69 13.09 -17.84 -2.88
N SER A 70 14.29 -18.08 -2.34
CA SER A 70 14.38 -18.57 -0.98
C SER A 70 15.52 -17.95 -0.18
N SER A 71 16.41 -17.15 -0.80
CA SER A 71 17.57 -16.67 -0.08
C SER A 71 17.25 -15.31 0.57
N TRP A 72 16.73 -15.42 1.78
CA TRP A 72 16.41 -14.25 2.58
C TRP A 72 17.33 -14.15 3.79
N SER A 73 17.46 -12.92 4.33
CA SER A 73 18.28 -12.64 5.47
C SER A 73 17.80 -13.30 6.77
N GLY A 74 16.52 -13.53 6.87
CA GLY A 74 15.87 -13.75 8.14
C GLY A 74 15.55 -12.41 8.81
N TRP A 75 14.74 -12.50 9.87
CA TRP A 75 14.16 -11.34 10.50
C TRP A 75 15.13 -10.65 11.46
N HIS A 76 15.18 -9.33 11.33
CA HIS A 76 16.02 -8.46 12.15
C HIS A 76 15.14 -7.36 12.72
N SER A 77 15.39 -6.98 13.97
CA SER A 77 14.54 -6.02 14.66
C SER A 77 15.04 -4.60 14.43
N LEU A 78 14.10 -3.67 14.26
CA LEU A 78 14.43 -2.27 14.32
C LEU A 78 14.10 -1.65 15.67
N ASN A 79 13.66 -2.46 16.65
CA ASN A 79 13.44 -2.04 18.03
C ASN A 79 12.33 -1.01 18.22
N GLU A 80 12.09 -0.69 19.50
CA GLU A 80 11.08 0.27 19.93
C GLU A 80 9.71 -0.34 19.63
N GLY A 81 8.69 0.51 19.47
CA GLY A 81 7.32 0.08 19.69
C GLY A 81 6.43 0.74 18.65
N ALA A 82 5.68 -0.09 17.92
CA ALA A 82 4.83 0.30 16.79
C ALA A 82 3.36 0.13 17.15
N THR A 83 2.52 1.04 16.68
CA THR A 83 1.09 0.98 16.90
C THR A 83 0.32 1.25 15.60
N SER A 84 0.99 1.02 14.46
CA SER A 84 0.31 0.97 13.17
C SER A 84 1.02 -0.02 12.27
N LYS A 85 0.41 -0.31 11.13
CA LYS A 85 1.10 -0.97 10.06
C LYS A 85 2.22 -0.03 9.60
N PRO A 86 3.43 -0.55 9.38
CA PRO A 86 4.49 0.26 8.81
C PRO A 86 4.33 0.48 7.33
N ALA A 87 4.98 1.52 6.85
CA ALA A 87 5.02 1.84 5.43
C ALA A 87 6.44 2.19 5.01
N VAL A 88 6.92 1.58 3.95
CA VAL A 88 8.27 1.86 3.44
C VAL A 88 8.21 2.42 2.04
N HIS A 89 9.18 3.33 1.77
CA HIS A 89 9.36 3.83 0.43
C HIS A 89 10.86 4.09 0.24
N ILE A 90 11.35 3.92 -1.00
CA ILE A 90 12.72 4.29 -1.29
C ILE A 90 12.77 5.79 -1.50
N ASN A 91 13.86 6.39 -1.07
CA ASN A 91 14.20 7.75 -1.46
C ASN A 91 14.81 7.80 -2.87
N SER A 92 14.86 9.01 -3.42
CA SER A 92 15.34 9.23 -4.77
C SER A 92 16.87 9.06 -4.84
N ASP A 93 17.54 8.90 -3.71
CA ASP A 93 18.99 8.56 -3.68
C ASP A 93 19.25 7.08 -3.37
N GLY A 94 18.19 6.27 -3.34
CA GLY A 94 18.33 4.82 -3.16
C GLY A 94 18.17 4.29 -1.74
N ARG A 95 18.03 5.16 -0.72
CA ARG A 95 17.90 4.73 0.65
C ARG A 95 16.45 4.40 1.01
N LEU A 96 16.21 3.20 1.54
CA LEU A 96 14.87 2.91 2.03
C LEU A 96 14.59 3.71 3.30
N GLU A 97 13.30 4.00 3.54
CA GLU A 97 12.87 4.74 4.71
C GLU A 97 11.50 4.19 5.12
N VAL A 98 11.40 3.82 6.38
CA VAL A 98 10.20 3.23 6.94
C VAL A 98 9.54 4.18 7.94
N PHE A 99 8.20 4.16 7.93
CA PHE A 99 7.37 5.04 8.72
C PHE A 99 6.44 4.16 9.55
N VAL A 100 6.14 4.56 10.79
CA VAL A 100 5.16 3.85 11.60
C VAL A 100 4.65 4.79 12.67
N ARG A 101 3.44 4.51 13.17
CA ARG A 101 3.00 5.21 14.36
C ARG A 101 3.65 4.62 15.59
N GLY A 102 4.05 5.48 16.53
CA GLY A 102 4.70 5.06 17.76
C GLY A 102 3.70 4.92 18.90
N THR A 103 4.23 4.60 20.09
CA THR A 103 3.34 4.41 21.23
C THR A 103 2.79 5.74 21.76
N ASP A 104 3.39 6.86 21.33
CA ASP A 104 2.86 8.19 21.59
C ASP A 104 1.82 8.68 20.58
N ASN A 105 1.49 7.83 19.58
CA ASN A 105 0.61 8.13 18.47
C ASN A 105 1.16 9.17 17.49
N ALA A 106 2.43 9.53 17.62
CA ALA A 106 3.13 10.32 16.63
C ALA A 106 3.58 9.44 15.46
N LEU A 107 3.95 10.10 14.35
CA LEU A 107 4.61 9.45 13.23
C LEU A 107 6.10 9.38 13.49
N TRP A 108 6.68 8.19 13.36
CA TRP A 108 8.11 7.98 13.49
C TRP A 108 8.71 7.45 12.20
N HIS A 109 10.01 7.69 11.98
CA HIS A 109 10.64 7.13 10.79
C HIS A 109 12.10 6.77 11.07
N ASN A 110 12.63 5.91 10.21
CA ASN A 110 13.94 5.31 10.31
C ASN A 110 14.40 5.08 8.87
N TRP A 111 15.68 5.32 8.58
CA TRP A 111 16.15 5.25 7.21
C TRP A 111 17.50 4.56 7.11
N GLN A 112 17.70 3.90 5.97
CA GLN A 112 19.06 3.51 5.57
C GLN A 112 19.92 4.77 5.43
N THR A 113 21.17 4.71 5.89
CA THR A 113 22.02 5.89 5.76
C THR A 113 22.85 5.81 4.50
N VAL A 114 23.00 4.61 3.93
CA VAL A 114 23.50 4.42 2.58
C VAL A 114 22.60 3.37 1.94
N PRO A 115 22.42 3.37 0.61
CA PRO A 115 21.54 2.42 -0.04
C PRO A 115 21.85 0.99 0.37
N GLY A 116 20.84 0.35 0.95
CA GLY A 116 20.96 -1.03 1.32
C GLY A 116 21.40 -1.31 2.76
N ALA A 117 21.77 -0.28 3.58
CA ALA A 117 22.27 -0.59 4.91
C ALA A 117 22.31 0.60 5.85
N GLY A 118 22.64 0.28 7.09
CA GLY A 118 22.97 1.29 8.09
C GLY A 118 21.78 2.13 8.50
N TRP A 119 20.88 1.52 9.26
CA TRP A 119 19.71 2.25 9.71
C TRP A 119 20.06 3.35 10.72
N SER A 120 19.38 4.50 10.56
CA SER A 120 19.62 5.69 11.37
C SER A 120 19.22 5.50 12.82
N GLY A 121 18.21 4.67 13.07
CA GLY A 121 17.47 4.68 14.32
C GLY A 121 16.23 5.59 14.13
N TRP A 122 15.29 5.47 15.04
CA TRP A 122 14.00 6.12 14.90
C TRP A 122 14.05 7.58 15.34
N GLN A 123 13.37 8.43 14.56
CA GLN A 123 13.19 9.83 14.89
C GLN A 123 11.75 10.23 14.68
N SER A 124 11.29 11.16 15.52
CA SER A 124 9.90 11.57 15.48
C SER A 124 9.62 12.62 14.43
N LEU A 125 8.49 12.45 13.73
CA LEU A 125 7.91 13.52 12.92
C LEU A 125 6.68 14.11 13.56
N GLY A 126 6.44 13.77 14.84
CA GLY A 126 5.37 14.37 15.60
C GLY A 126 3.98 14.08 15.08
N GLY A 127 3.07 15.01 15.37
CA GLY A 127 1.69 14.81 15.00
C GLY A 127 0.97 13.81 15.91
N GLN A 128 -0.35 13.67 15.63
CA GLN A 128 -1.12 12.57 16.16
C GLN A 128 -1.80 11.94 14.97
N ILE A 129 -1.58 10.66 14.73
CA ILE A 129 -2.24 10.05 13.58
C ILE A 129 -3.15 8.93 14.05
N THR A 130 -4.24 8.73 13.27
CA THR A 130 -5.30 7.81 13.64
C THR A 130 -5.60 6.85 12.50
N SER A 131 -4.72 6.82 11.49
CA SER A 131 -4.77 5.78 10.46
C SER A 131 -3.36 5.26 10.29
N ASN A 132 -3.22 4.22 9.47
CA ASN A 132 -1.90 3.85 9.02
C ASN A 132 -1.37 4.95 8.09
N PRO A 133 -0.05 5.24 8.13
CA PRO A 133 0.56 6.23 7.22
C PRO A 133 0.80 5.65 5.85
N VAL A 134 0.66 6.48 4.80
CA VAL A 134 1.02 6.06 3.45
C VAL A 134 1.97 7.08 2.88
N VAL A 135 2.87 6.59 2.01
CA VAL A 135 3.99 7.38 1.54
C VAL A 135 3.89 7.57 0.03
N TYR A 136 4.24 8.76 -0.40
CA TYR A 136 4.26 9.18 -1.78
C TYR A 136 5.65 9.74 -2.05
N ILE A 137 6.13 9.65 -3.30
CA ILE A 137 7.30 10.43 -3.69
C ILE A 137 6.92 11.41 -4.79
N ASN A 138 7.19 12.70 -4.56
CA ASN A 138 6.98 13.75 -5.52
C ASN A 138 7.93 13.60 -6.71
N SER A 139 7.55 14.17 -7.85
N SER A 139 7.56 14.22 -7.82
CA SER A 139 8.40 14.09 -9.03
CA SER A 139 8.35 14.17 -9.04
C SER A 139 9.79 14.67 -8.79
C SER A 139 9.76 14.75 -8.86
N ASP A 140 9.94 15.62 -7.87
CA ASP A 140 11.25 16.20 -7.59
C ASP A 140 12.09 15.35 -6.63
N GLY A 141 11.52 14.26 -6.11
CA GLY A 141 12.27 13.41 -5.20
C GLY A 141 11.97 13.58 -3.70
N ARG A 142 11.04 14.46 -3.33
CA ARG A 142 10.65 14.62 -1.93
C ARG A 142 9.59 13.61 -1.52
N LEU A 143 9.90 12.87 -0.45
CA LEU A 143 8.89 12.01 0.16
C LEU A 143 7.84 12.86 0.85
N GLU A 144 6.64 12.28 0.97
CA GLU A 144 5.49 12.94 1.57
C GLU A 144 4.61 11.84 2.17
N VAL A 145 4.14 12.06 3.38
CA VAL A 145 3.32 11.11 4.09
C VAL A 145 1.93 11.69 4.28
N PHE A 146 0.93 10.83 4.07
CA PHE A 146 -0.47 11.12 4.31
C PHE A 146 -1.01 10.20 5.40
N ALA A 147 -1.83 10.75 6.28
CA ALA A 147 -2.46 10.00 7.35
C ALA A 147 -3.68 10.74 7.84
N ARG A 148 -4.61 10.00 8.43
CA ARG A 148 -5.70 10.64 9.13
C ARG A 148 -5.21 11.19 10.46
N GLY A 149 -5.77 12.33 10.85
CA GLY A 149 -5.39 13.05 12.06
C GLY A 149 -6.34 12.78 13.22
N ALA A 150 -6.08 13.45 14.33
CA ALA A 150 -6.91 13.33 15.51
C ALA A 150 -8.31 13.93 15.34
N ASP A 151 -8.46 14.83 14.35
CA ASP A 151 -9.75 15.42 14.03
C ASP A 151 -10.42 14.71 12.84
N ASN A 152 -9.88 13.55 12.45
CA ASN A 152 -10.36 12.71 11.37
C ASN A 152 -10.24 13.33 9.99
N ALA A 153 -9.56 14.46 9.87
CA ALA A 153 -9.17 15.02 8.59
C ALA A 153 -7.96 14.30 8.05
N LEU A 154 -7.71 14.54 6.76
CA LEU A 154 -6.48 14.09 6.14
C LEU A 154 -5.39 15.12 6.45
N TRP A 155 -4.25 14.63 6.92
CA TRP A 155 -3.08 15.50 7.09
C TRP A 155 -1.91 14.97 6.27
N HIS A 156 -0.92 15.82 6.05
CA HIS A 156 0.28 15.46 5.33
C HIS A 156 1.50 16.26 5.80
N ILE A 157 2.66 15.71 5.47
CA ILE A 157 3.97 16.22 5.92
C ILE A 157 4.98 15.75 4.87
N TRP A 158 6.01 16.54 4.56
CA TRP A 158 6.89 16.23 3.44
C TRP A 158 8.32 16.63 3.79
N GLN A 159 9.26 15.96 3.13
CA GLN A 159 10.62 16.40 3.00
C GLN A 159 10.64 17.77 2.32
N THR A 160 11.48 18.68 2.82
CA THR A 160 11.49 20.00 2.19
C THR A 160 12.51 20.05 1.05
N ALA A 161 13.39 19.06 0.91
CA ALA A 161 14.34 18.95 -0.17
C ALA A 161 14.40 17.50 -0.62
N PRO A 162 14.80 17.23 -1.86
CA PRO A 162 14.86 15.86 -2.36
C PRO A 162 15.72 15.01 -1.41
N HIS A 163 15.13 13.88 -0.97
CA HIS A 163 15.78 12.88 -0.14
C HIS A 163 16.51 13.48 1.06
N ALA A 164 15.95 14.54 1.68
CA ALA A 164 16.64 15.18 2.80
C ALA A 164 15.65 15.93 3.68
N GLY A 165 15.85 15.84 4.99
CA GLY A 165 15.25 16.75 5.97
C GLY A 165 15.83 18.17 5.87
N PRO A 166 15.20 19.13 6.54
CA PRO A 166 14.07 18.89 7.44
C PRO A 166 12.77 18.57 6.72
N TRP A 167 11.84 18.01 7.51
CA TRP A 167 10.46 17.87 7.07
C TRP A 167 9.69 19.13 7.44
N SER A 168 8.57 19.33 6.74
CA SER A 168 7.64 20.41 6.95
C SER A 168 6.89 20.21 8.26
N ASN A 169 6.10 21.21 8.65
CA ASN A 169 5.10 21.02 9.67
C ASN A 169 3.99 20.16 9.07
N TRP A 170 3.21 19.50 9.92
CA TRP A 170 1.96 18.89 9.53
C TRP A 170 1.00 19.95 9.00
N GLN A 171 0.30 19.63 7.91
CA GLN A 171 -0.73 20.51 7.38
C GLN A 171 -1.98 19.70 7.08
N SER A 172 -3.14 20.31 7.30
CA SER A 172 -4.43 19.66 7.08
C SER A 172 -4.86 19.86 5.63
N LEU A 173 -5.47 18.79 5.08
CA LEU A 173 -6.17 18.82 3.80
C LEU A 173 -7.68 18.64 4.01
N ASN A 174 -8.14 18.77 5.29
CA ASN A 174 -9.54 18.69 5.66
C ASN A 174 -10.16 17.32 5.31
N GLY A 175 -11.46 17.29 5.06
CA GLY A 175 -12.16 16.06 4.83
C GLY A 175 -12.49 15.36 6.16
N VAL A 176 -13.25 14.27 6.04
CA VAL A 176 -13.65 13.38 7.13
C VAL A 176 -13.38 11.96 6.64
N LEU A 177 -12.38 11.32 7.22
CA LEU A 177 -11.91 10.01 6.77
C LEU A 177 -12.37 8.90 7.69
N THR A 178 -12.71 7.75 7.06
CA THR A 178 -13.05 6.53 7.76
C THR A 178 -12.29 5.32 7.24
N SER A 179 -11.22 5.58 6.49
CA SER A 179 -10.29 4.56 6.03
C SER A 179 -8.88 5.12 6.04
N ASP A 180 -7.91 4.25 5.78
CA ASP A 180 -6.60 4.73 5.39
C ASP A 180 -6.74 5.51 4.10
N PRO A 181 -5.91 6.53 3.88
CA PRO A 181 -5.82 7.16 2.57
C PRO A 181 -5.05 6.26 1.63
N THR A 182 -5.25 6.40 0.33
CA THR A 182 -4.45 5.72 -0.68
C THR A 182 -4.06 6.76 -1.73
N VAL A 183 -2.82 6.74 -2.21
CA VAL A 183 -2.30 7.81 -3.05
C VAL A 183 -1.60 7.22 -4.27
N TYR A 184 -1.68 7.95 -5.38
CA TYR A 184 -0.88 7.64 -6.56
C TYR A 184 -0.62 8.93 -7.33
N VAL A 185 0.45 8.91 -8.13
CA VAL A 185 0.71 9.96 -9.08
C VAL A 185 -0.31 9.90 -10.22
N ASN A 186 -0.83 11.08 -10.59
CA ASN A 186 -1.79 11.18 -11.68
C ASN A 186 -1.04 11.54 -12.95
N ALA A 187 -1.80 11.71 -14.04
CA ALA A 187 -1.15 11.84 -15.33
C ALA A 187 -0.52 13.21 -15.47
N SER A 188 -0.83 14.16 -14.59
CA SER A 188 -0.17 15.45 -14.55
C SER A 188 1.12 15.40 -13.72
N GLY A 189 1.50 14.22 -13.16
CA GLY A 189 2.73 14.11 -12.37
C GLY A 189 2.57 14.62 -10.95
N ARG A 190 1.32 14.69 -10.46
CA ARG A 190 1.06 15.18 -9.12
C ARG A 190 0.23 14.16 -8.34
N PRO A 191 0.27 14.22 -6.97
CA PRO A 191 -0.45 13.24 -6.17
C PRO A 191 -1.96 13.42 -6.16
N GLU A 192 -2.63 12.28 -6.13
CA GLU A 192 -4.06 12.23 -5.98
C GLU A 192 -4.35 11.24 -4.86
N VAL A 193 -5.14 11.67 -3.88
CA VAL A 193 -5.38 10.92 -2.67
C VAL A 193 -6.87 10.62 -2.54
N PHE A 194 -7.16 9.37 -2.16
CA PHE A 194 -8.50 8.83 -2.05
C PHE A 194 -8.72 8.28 -0.65
N ALA A 195 -9.94 8.41 -0.16
CA ALA A 195 -10.26 7.83 1.14
C ALA A 195 -11.77 7.62 1.22
N ARG A 196 -12.18 6.71 2.10
CA ARG A 196 -13.58 6.57 2.45
C ARG A 196 -13.92 7.66 3.45
N SER A 197 -15.17 8.19 3.33
CA SER A 197 -15.67 9.22 4.22
C SER A 197 -16.77 8.68 5.12
N ASN A 198 -17.41 9.57 5.87
CA ASN A 198 -18.40 9.12 6.84
C ASN A 198 -19.77 8.85 6.23
N ASP A 199 -19.91 9.01 4.90
CA ASP A 199 -21.04 8.51 4.14
C ASP A 199 -20.75 7.15 3.50
N TYR A 200 -19.57 6.58 3.83
CA TYR A 200 -19.09 5.30 3.33
C TYR A 200 -18.77 5.34 1.84
N SER A 201 -18.71 6.54 1.26
CA SER A 201 -18.36 6.72 -0.14
C SER A 201 -16.87 7.03 -0.27
N LEU A 202 -16.40 6.84 -1.52
CA LEU A 202 -15.02 7.16 -1.89
C LEU A 202 -14.95 8.64 -2.29
N TRP A 203 -13.99 9.37 -1.75
CA TRP A 203 -13.76 10.77 -2.11
C TRP A 203 -12.28 10.93 -2.48
N TYR A 204 -11.95 11.98 -3.26
CA TYR A 204 -10.56 12.22 -3.60
C TYR A 204 -10.25 13.72 -3.59
N ILE A 205 -8.96 14.00 -3.51
CA ILE A 205 -8.40 15.33 -3.58
C ILE A 205 -7.14 15.19 -4.41
N LYS A 206 -6.70 16.28 -5.04
CA LYS A 206 -5.46 16.18 -5.79
C LYS A 206 -4.76 17.53 -5.81
N GLN A 207 -3.47 17.48 -6.08
CA GLN A 207 -2.62 18.66 -6.09
C GLN A 207 -2.58 19.20 -7.51
N THR A 208 -2.57 20.54 -7.62
CA THR A 208 -2.51 21.21 -8.90
C THR A 208 -1.29 22.11 -8.90
N ALA A 209 -1.16 22.89 -9.97
CA ALA A 209 -0.11 23.90 -10.08
C ALA A 209 -0.47 25.24 -9.42
N SER A 210 -1.71 25.40 -8.97
CA SER A 210 -2.20 26.69 -8.46
C SER A 210 -1.52 27.09 -7.15
N HIS A 211 -1.21 28.39 -6.99
CA HIS A 211 -0.63 28.85 -5.73
C HIS A 211 -1.74 29.13 -4.73
N THR A 212 -2.92 29.49 -5.23
CA THR A 212 -4.04 29.84 -4.39
C THR A 212 -4.84 28.62 -3.96
N TYR A 213 -4.93 27.63 -4.87
CA TYR A 213 -5.66 26.40 -4.58
C TYR A 213 -4.78 25.21 -4.95
N PRO A 214 -3.66 25.02 -4.22
CA PRO A 214 -2.71 23.96 -4.54
C PRO A 214 -3.37 22.60 -4.47
N TRP A 215 -4.31 22.43 -3.56
CA TRP A 215 -5.08 21.21 -3.53
C TRP A 215 -6.53 21.50 -3.83
N THR A 216 -7.18 20.62 -4.59
CA THR A 216 -8.59 20.77 -4.92
C THR A 216 -9.47 20.59 -3.70
N ASN A 217 -10.73 21.00 -3.82
CA ASN A 217 -11.74 20.59 -2.89
C ASN A 217 -11.94 19.09 -3.03
N TRP A 218 -12.34 18.45 -1.95
CA TRP A 218 -12.71 17.05 -2.01
C TRP A 218 -13.87 16.85 -2.98
N GLN A 219 -13.79 15.77 -3.76
CA GLN A 219 -14.76 15.39 -4.76
C GLN A 219 -15.20 13.95 -4.53
N SER A 220 -16.51 13.69 -4.64
CA SER A 220 -17.07 12.41 -4.35
C SER A 220 -17.09 11.51 -5.59
N LEU A 221 -16.77 10.22 -5.42
CA LEU A 221 -17.04 9.19 -6.41
C LEU A 221 -18.10 8.21 -5.90
N SER A 222 -18.82 8.60 -4.85
CA SER A 222 -19.96 7.83 -4.37
C SER A 222 -19.53 6.42 -3.98
N GLY A 223 -20.47 5.48 -4.06
CA GLY A 223 -20.23 4.09 -3.68
C GLY A 223 -20.54 3.85 -2.19
N VAL A 224 -20.61 2.57 -1.85
CA VAL A 224 -20.61 2.09 -0.49
C VAL A 224 -19.44 1.13 -0.40
N ILE A 225 -18.41 1.50 0.35
CA ILE A 225 -17.29 0.58 0.40
C ILE A 225 -17.00 0.15 1.83
N THR A 226 -16.59 -1.12 1.91
CA THR A 226 -16.41 -1.83 3.16
C THR A 226 -15.00 -2.38 3.36
N SER A 227 -14.03 -1.84 2.61
CA SER A 227 -12.62 -2.10 2.83
C SER A 227 -11.87 -0.80 2.68
N ASN A 228 -10.58 -0.81 3.01
CA ASN A 228 -9.75 0.27 2.53
C ASN A 228 -9.80 0.26 1.01
N PRO A 229 -9.85 1.43 0.37
CA PRO A 229 -9.65 1.51 -1.07
C PRO A 229 -8.17 1.49 -1.44
N VAL A 230 -7.87 1.03 -2.63
CA VAL A 230 -6.49 1.03 -3.13
CA VAL A 230 -6.50 1.08 -3.11
C VAL A 230 -6.51 1.60 -4.54
N VAL A 231 -5.67 2.62 -4.79
CA VAL A 231 -5.56 3.21 -6.10
C VAL A 231 -4.27 2.75 -6.79
N ILE A 232 -4.33 2.69 -8.11
CA ILE A 232 -3.16 2.39 -8.92
C ILE A 232 -3.35 3.08 -10.25
N SER A 233 -2.28 3.20 -11.05
CA SER A 233 -2.39 3.71 -12.41
C SER A 233 -2.27 2.56 -13.42
N ASN A 234 -3.16 2.57 -14.41
CA ASN A 234 -2.95 1.77 -15.60
C ASN A 234 -1.70 2.25 -16.34
N SER A 235 -1.16 1.41 -17.22
CA SER A 235 0.08 1.75 -17.90
C SER A 235 -0.05 3.06 -18.68
N ASP A 236 -1.26 3.46 -19.10
CA ASP A 236 -1.44 4.67 -19.89
C ASP A 236 -1.77 5.90 -19.07
N GLY A 237 -1.75 5.80 -17.73
CA GLY A 237 -1.93 6.96 -16.89
C GLY A 237 -3.32 7.10 -16.26
N ARG A 238 -4.30 6.28 -16.65
CA ARG A 238 -5.64 6.30 -16.10
C ARG A 238 -5.62 5.68 -14.72
N LEU A 239 -6.02 6.45 -13.71
CA LEU A 239 -6.14 5.86 -12.37
C LEU A 239 -7.36 4.97 -12.24
N GLU A 240 -7.23 4.03 -11.30
CA GLU A 240 -8.25 3.03 -11.06
C GLU A 240 -8.21 2.71 -9.58
N VAL A 241 -9.40 2.63 -8.97
CA VAL A 241 -9.52 2.31 -7.55
C VAL A 241 -10.32 1.03 -7.32
N PHE A 242 -9.83 0.20 -6.42
CA PHE A 242 -10.44 -1.06 -6.02
C PHE A 242 -10.89 -1.00 -4.56
N ALA A 243 -12.04 -1.60 -4.26
CA ALA A 243 -12.48 -1.72 -2.88
C ALA A 243 -13.52 -2.82 -2.77
N ARG A 244 -13.68 -3.37 -1.57
CA ARG A 244 -14.82 -4.24 -1.31
C ARG A 244 -16.11 -3.45 -1.21
N GLY A 245 -17.18 -4.03 -1.78
CA GLY A 245 -18.48 -3.36 -1.75
C GLY A 245 -19.36 -3.94 -0.66
N SER A 246 -20.63 -3.45 -0.61
CA SER A 246 -21.50 -3.83 0.48
C SER A 246 -21.98 -5.27 0.36
N ASP A 247 -21.79 -5.89 -0.82
CA ASP A 247 -22.15 -7.27 -1.11
C ASP A 247 -20.91 -8.17 -1.00
N ASN A 248 -19.80 -7.62 -0.50
CA ASN A 248 -18.52 -8.29 -0.30
C ASN A 248 -17.81 -8.67 -1.59
N ALA A 249 -18.35 -8.24 -2.73
CA ALA A 249 -17.63 -8.37 -3.99
C ALA A 249 -16.52 -7.33 -4.05
N LEU A 250 -15.60 -7.59 -4.99
CA LEU A 250 -14.65 -6.55 -5.40
C LEU A 250 -15.32 -5.60 -6.38
N TRP A 251 -15.26 -4.30 -6.10
CA TRP A 251 -15.71 -3.30 -7.03
C TRP A 251 -14.57 -2.41 -7.49
N HIS A 252 -14.75 -1.70 -8.60
CA HIS A 252 -13.70 -0.85 -9.12
C HIS A 252 -14.35 0.29 -9.90
N ILE A 253 -13.54 1.34 -10.06
CA ILE A 253 -13.96 2.56 -10.73
C ILE A 253 -12.71 3.12 -11.37
N TRP A 254 -12.77 3.75 -12.54
CA TRP A 254 -11.55 4.18 -13.20
C TRP A 254 -11.78 5.41 -14.05
N GLN A 255 -10.67 6.04 -14.42
CA GLN A 255 -10.69 7.20 -15.30
C GLN A 255 -10.86 6.76 -16.73
N VAL A 256 -11.60 7.58 -17.49
CA VAL A 256 -11.93 7.23 -18.87
C VAL A 256 -10.81 7.65 -19.82
N ALA A 257 -9.92 8.51 -19.30
CA ALA A 257 -8.71 8.91 -19.98
C ALA A 257 -7.78 9.49 -18.94
N PRO A 258 -6.49 9.69 -19.24
CA PRO A 258 -5.52 10.18 -18.23
C PRO A 258 -5.97 11.55 -17.75
N ASN A 259 -6.13 11.68 -16.43
CA ASN A 259 -6.58 12.91 -15.76
C ASN A 259 -7.95 13.36 -16.31
N ALA A 260 -8.86 12.41 -16.53
CA ALA A 260 -10.20 12.75 -16.97
C ALA A 260 -11.19 12.31 -15.88
N GLY A 261 -12.48 12.40 -16.19
CA GLY A 261 -13.50 11.94 -15.28
C GLY A 261 -13.56 10.41 -15.21
N TRP A 262 -14.47 9.94 -14.36
CA TRP A 262 -14.49 8.57 -13.92
C TRP A 262 -15.73 7.86 -14.47
N THR A 263 -15.65 6.53 -14.57
CA THR A 263 -16.77 5.65 -14.78
C THR A 263 -17.63 5.60 -13.54
N ASN A 264 -18.75 4.91 -13.65
CA ASN A 264 -19.49 4.48 -12.48
C ASN A 264 -18.73 3.31 -11.81
N TRP A 265 -19.18 2.96 -10.60
CA TRP A 265 -18.70 1.78 -9.92
C TRP A 265 -19.21 0.53 -10.63
N ARG A 266 -18.32 -0.46 -10.80
CA ARG A 266 -18.63 -1.69 -11.49
C ARG A 266 -18.10 -2.87 -10.69
N SER A 267 -18.88 -3.94 -10.67
CA SER A 267 -18.53 -5.13 -9.89
C SER A 267 -17.65 -6.08 -10.69
N LEU A 268 -16.63 -6.62 -10.00
CA LEU A 268 -15.86 -7.76 -10.46
C LEU A 268 -16.22 -9.01 -9.67
N SER A 269 -17.34 -8.98 -8.95
CA SER A 269 -17.87 -10.18 -8.30
CA SER A 269 -17.89 -10.14 -8.25
C SER A 269 -16.85 -10.71 -7.29
N GLY A 270 -16.95 -12.01 -6.97
CA GLY A 270 -16.11 -12.61 -5.96
C GLY A 270 -16.67 -12.37 -4.55
N ILE A 271 -16.08 -13.04 -3.55
CA ILE A 271 -16.34 -12.75 -2.14
C ILE A 271 -14.98 -12.53 -1.49
N ILE A 272 -14.66 -11.27 -1.16
CA ILE A 272 -13.33 -10.99 -0.66
C ILE A 272 -13.43 -10.77 0.85
N THR A 273 -12.46 -11.40 1.55
CA THR A 273 -12.46 -11.39 3.02
C THR A 273 -11.22 -10.67 3.55
N SER A 274 -10.62 -9.82 2.73
CA SER A 274 -9.55 -8.93 3.12
C SER A 274 -9.64 -7.67 2.27
N ASP A 275 -8.86 -6.65 2.64
CA ASP A 275 -8.55 -5.61 1.68
C ASP A 275 -7.97 -6.23 0.40
N PRO A 276 -8.29 -5.62 -0.76
CA PRO A 276 -7.64 -5.97 -2.01
C PRO A 276 -6.27 -5.31 -2.11
N ALA A 277 -5.39 -5.97 -2.87
CA ALA A 277 -4.08 -5.46 -3.26
C ALA A 277 -4.00 -5.53 -4.77
N VAL A 278 -3.22 -4.62 -5.36
CA VAL A 278 -3.16 -4.57 -6.80
C VAL A 278 -1.75 -4.16 -7.24
N HIS A 279 -1.33 -4.63 -8.42
CA HIS A 279 -0.03 -4.29 -8.99
C HIS A 279 -0.14 -4.46 -10.50
N ILE A 280 0.64 -3.68 -11.26
CA ILE A 280 0.67 -3.96 -12.69
C ILE A 280 1.60 -5.14 -12.92
N ASN A 281 1.19 -6.07 -13.80
CA ASN A 281 2.00 -7.26 -14.08
C ASN A 281 2.97 -6.98 -15.23
N ALA A 282 3.64 -8.04 -15.70
CA ALA A 282 4.64 -7.94 -16.75
C ALA A 282 4.02 -7.65 -18.12
N ASP A 283 2.71 -7.91 -18.26
CA ASP A 283 2.00 -7.62 -19.50
C ASP A 283 1.44 -6.21 -19.51
N GLY A 284 1.73 -5.39 -18.48
CA GLY A 284 1.19 -4.03 -18.37
C GLY A 284 -0.28 -4.00 -17.99
N ARG A 285 -0.79 -5.08 -17.39
CA ARG A 285 -2.19 -5.20 -17.04
C ARG A 285 -2.28 -5.20 -15.51
N LEU A 286 -3.33 -4.60 -14.99
CA LEU A 286 -3.61 -4.65 -13.55
C LEU A 286 -4.00 -6.07 -13.12
N GLU A 287 -3.48 -6.45 -11.96
CA GLU A 287 -3.76 -7.76 -11.37
C GLU A 287 -4.05 -7.53 -9.89
N VAL A 288 -5.25 -7.97 -9.44
CA VAL A 288 -5.72 -7.76 -8.11
C VAL A 288 -5.67 -9.07 -7.34
N PHE A 289 -5.23 -8.98 -6.09
CA PHE A 289 -5.14 -10.09 -5.16
C PHE A 289 -5.97 -9.82 -3.92
N ALA A 290 -6.59 -10.87 -3.39
CA ALA A 290 -7.37 -10.71 -2.18
C ALA A 290 -7.56 -12.07 -1.54
N ARG A 291 -7.84 -12.09 -0.23
CA ARG A 291 -8.28 -13.30 0.41
C ARG A 291 -9.72 -13.62 0.03
N GLY A 292 -10.01 -14.92 -0.13
CA GLY A 292 -11.34 -15.38 -0.48
C GLY A 292 -12.06 -16.01 0.69
N PRO A 293 -13.25 -16.56 0.44
CA PRO A 293 -14.04 -17.07 1.54
C PRO A 293 -13.60 -18.44 2.06
N ASP A 294 -12.69 -19.09 1.33
CA ASP A 294 -12.02 -20.33 1.75
C ASP A 294 -10.65 -20.06 2.38
N ASN A 295 -10.36 -18.77 2.64
CA ASN A 295 -9.11 -18.28 3.19
C ASN A 295 -7.92 -18.51 2.28
N ALA A 296 -8.19 -18.84 1.02
CA ALA A 296 -7.14 -18.92 0.01
C ALA A 296 -6.83 -17.54 -0.54
N LEU A 297 -5.68 -17.44 -1.24
CA LEU A 297 -5.38 -16.27 -2.03
C LEU A 297 -6.03 -16.38 -3.40
N TRP A 298 -6.80 -15.38 -3.83
CA TRP A 298 -7.37 -15.36 -5.16
C TRP A 298 -6.84 -14.17 -5.93
N HIS A 299 -6.86 -14.24 -7.26
CA HIS A 299 -6.46 -13.11 -8.08
C HIS A 299 -7.30 -13.08 -9.36
N ILE A 300 -7.27 -11.92 -10.01
CA ILE A 300 -8.08 -11.57 -11.16
C ILE A 300 -7.31 -10.49 -11.89
N TRP A 301 -7.36 -10.45 -13.21
CA TRP A 301 -6.55 -9.51 -13.98
C TRP A 301 -7.28 -9.02 -15.24
N GLN A 302 -6.83 -7.86 -15.71
CA GLN A 302 -7.26 -7.33 -16.99
C GLN A 302 -6.76 -8.22 -18.13
N THR A 303 -7.70 -8.41 -19.09
CA THR A 303 -7.42 -9.27 -20.23
C THR A 303 -7.45 -8.48 -21.53
N ALA A 304 -7.78 -7.18 -21.46
CA ALA A 304 -7.75 -6.29 -22.62
C ALA A 304 -7.69 -4.86 -22.08
N THR A 305 -7.57 -3.85 -22.95
CA THR A 305 -7.57 -2.47 -22.50
C THR A 305 -9.00 -2.02 -22.18
N SER A 306 -9.94 -2.50 -22.99
CA SER A 306 -11.33 -2.35 -22.63
C SER A 306 -11.47 -3.07 -21.31
N ASP A 307 -12.60 -2.83 -20.67
CA ASP A 307 -12.87 -3.36 -19.34
C ASP A 307 -13.17 -4.84 -19.45
N ALA A 308 -12.15 -5.62 -19.81
CA ALA A 308 -12.27 -7.05 -19.86
C ALA A 308 -11.37 -7.60 -18.75
N TRP A 309 -11.91 -8.50 -17.95
CA TRP A 309 -11.19 -9.13 -16.87
C TRP A 309 -11.36 -10.65 -16.90
N SER A 310 -10.40 -11.32 -16.29
CA SER A 310 -10.32 -12.75 -16.22
C SER A 310 -11.37 -13.24 -15.23
N GLU A 311 -11.47 -14.57 -15.12
CA GLU A 311 -12.19 -15.15 -14.00
C GLU A 311 -11.33 -14.99 -12.74
N TRP A 312 -12.02 -14.93 -11.60
CA TRP A 312 -11.32 -15.12 -10.33
C TRP A 312 -10.67 -16.49 -10.37
N THR A 313 -9.42 -16.55 -9.94
CA THR A 313 -8.56 -17.71 -10.01
C THR A 313 -7.85 -17.88 -8.69
N SER A 314 -7.90 -19.11 -8.16
CA SER A 314 -7.31 -19.37 -6.87
C SER A 314 -5.83 -19.71 -6.98
N LEU A 315 -5.04 -19.16 -6.05
CA LEU A 315 -3.65 -19.58 -5.84
C LEU A 315 -3.51 -20.39 -4.55
N SER A 316 -4.63 -20.82 -3.97
N SER A 316 -4.64 -20.86 -4.00
CA SER A 316 -4.64 -21.69 -2.80
CA SER A 316 -4.65 -21.71 -2.82
C SER A 316 -3.98 -21.01 -1.61
C SER A 316 -3.92 -21.02 -1.67
N GLY A 317 -3.33 -21.80 -0.75
CA GLY A 317 -2.84 -21.28 0.51
C GLY A 317 -3.95 -21.09 1.54
N VAL A 318 -3.51 -20.87 2.78
CA VAL A 318 -4.38 -20.52 3.89
C VAL A 318 -3.75 -19.29 4.53
N ILE A 319 -4.43 -18.16 4.41
CA ILE A 319 -3.86 -16.89 4.82
C ILE A 319 -4.74 -16.20 5.86
N THR A 320 -4.10 -15.38 6.69
CA THR A 320 -4.75 -14.72 7.83
C THR A 320 -4.54 -13.20 7.81
N SER A 321 -4.26 -12.67 6.63
CA SER A 321 -4.17 -11.24 6.39
C SER A 321 -4.57 -10.96 4.95
N ALA A 322 -4.69 -9.67 4.62
CA ALA A 322 -4.65 -9.28 3.22
C ALA A 322 -3.28 -9.62 2.63
N PRO A 323 -3.24 -9.90 1.34
CA PRO A 323 -1.96 -9.96 0.62
C PRO A 323 -1.31 -8.61 0.40
N THR A 324 0.03 -8.66 0.34
CA THR A 324 0.87 -7.56 -0.11
C THR A 324 1.59 -8.01 -1.38
N VAL A 325 1.51 -7.21 -2.43
CA VAL A 325 2.09 -7.62 -3.71
C VAL A 325 3.26 -6.71 -4.03
N ALA A 326 4.36 -7.34 -4.48
CA ALA A 326 5.53 -6.62 -4.93
C ALA A 326 5.98 -7.20 -6.25
N LYS A 327 7.07 -6.64 -6.77
CA LYS A 327 7.63 -7.08 -8.04
C LYS A 327 9.14 -7.20 -7.91
N ASN A 328 9.67 -8.34 -8.35
CA ASN A 328 11.13 -8.54 -8.38
C ASN A 328 11.79 -7.75 -9.51
N SER A 329 13.14 -7.62 -9.44
CA SER A 329 13.89 -6.91 -10.46
C SER A 329 13.70 -7.55 -11.84
N ASP A 330 13.47 -8.85 -11.90
CA ASP A 330 13.21 -9.53 -13.17
C ASP A 330 11.80 -9.30 -13.72
N GLY A 331 10.94 -8.55 -13.01
CA GLY A 331 9.61 -8.25 -13.51
C GLY A 331 8.47 -9.15 -12.99
N TRP A 332 8.80 -10.21 -12.26
CA TRP A 332 7.83 -11.20 -11.81
C TRP A 332 7.27 -10.76 -10.45
N LEU A 333 5.95 -10.95 -10.29
CA LEU A 333 5.26 -10.59 -9.06
C LEU A 333 5.65 -11.54 -7.94
N GLU A 334 5.46 -11.03 -6.74
CA GLU A 334 5.63 -11.85 -5.55
C GLU A 334 4.57 -11.41 -4.55
N VAL A 335 3.93 -12.37 -3.88
CA VAL A 335 2.86 -12.06 -2.96
C VAL A 335 3.20 -12.63 -1.59
N PHE A 336 2.96 -11.79 -0.58
CA PHE A 336 3.20 -12.07 0.81
C PHE A 336 1.90 -12.02 1.59
N ALA A 337 1.70 -12.93 2.55
CA ALA A 337 0.53 -12.88 3.40
C ALA A 337 0.84 -13.63 4.66
N ARG A 338 0.15 -13.28 5.75
CA ARG A 338 0.37 -14.00 6.98
C ARG A 338 -0.27 -15.40 6.85
N GLY A 339 0.37 -16.41 7.43
CA GLY A 339 -0.18 -17.75 7.47
C GLY A 339 -0.91 -18.08 8.75
N ALA A 340 -1.36 -19.33 8.83
CA ALA A 340 -2.20 -19.78 9.94
C ALA A 340 -1.46 -19.75 11.29
N ASN A 341 -0.12 -19.82 11.27
CA ASN A 341 0.71 -19.79 12.46
C ASN A 341 1.38 -18.42 12.70
N ASN A 342 0.94 -17.38 11.97
CA ASN A 342 1.41 -16.00 12.05
C ASN A 342 2.80 -15.76 11.45
N ALA A 343 3.32 -16.74 10.77
CA ALA A 343 4.51 -16.54 9.96
C ALA A 343 4.15 -15.81 8.68
N LEU A 344 5.14 -15.22 8.03
CA LEU A 344 4.95 -14.61 6.71
C LEU A 344 5.14 -15.68 5.65
N CYS A 345 4.10 -15.91 4.86
CA CYS A 345 4.17 -16.80 3.72
C CYS A 345 4.36 -16.02 2.43
N HIS A 346 4.91 -16.68 1.42
CA HIS A 346 5.05 -16.03 0.13
C HIS A 346 4.98 -17.03 -1.02
N ILE A 347 4.58 -16.48 -2.16
CA ILE A 347 4.41 -17.21 -3.41
C ILE A 347 4.93 -16.30 -4.50
N GLN A 348 5.70 -16.85 -5.46
CA GLN A 348 6.43 -16.08 -6.47
C GLN A 348 5.88 -16.47 -7.85
N GLN A 349 5.65 -15.49 -8.71
CA GLN A 349 5.43 -15.77 -10.11
C GLN A 349 6.73 -16.24 -10.77
N THR A 350 6.61 -17.23 -11.66
CA THR A 350 7.77 -17.74 -12.39
C THR A 350 7.61 -17.41 -13.87
N THR A 351 8.51 -17.95 -14.71
CA THR A 351 8.41 -17.61 -16.11
C THR A 351 7.14 -18.19 -16.74
N SER A 352 6.51 -19.22 -16.15
CA SER A 352 5.32 -19.80 -16.78
C SER A 352 4.20 -20.15 -15.80
N SER A 353 4.40 -19.87 -14.51
CA SER A 353 3.42 -20.28 -13.53
C SER A 353 3.63 -19.48 -12.26
N TRP A 354 3.15 -20.03 -11.14
CA TRP A 354 3.51 -19.56 -9.82
C TRP A 354 4.18 -20.69 -9.07
N SER A 355 5.05 -20.35 -8.10
CA SER A 355 5.72 -21.27 -7.22
C SER A 355 4.78 -21.88 -6.21
N THR A 356 5.32 -22.79 -5.39
CA THR A 356 4.68 -23.24 -4.18
C THR A 356 4.67 -22.07 -3.18
N TRP A 357 3.76 -22.17 -2.22
CA TRP A 357 3.81 -21.38 -1.00
C TRP A 357 4.95 -21.87 -0.11
N THR A 358 5.76 -20.94 0.41
CA THR A 358 6.74 -21.25 1.45
C THR A 358 6.72 -20.21 2.54
N SER A 359 7.32 -20.54 3.68
CA SER A 359 7.35 -19.66 4.83
C SER A 359 8.68 -18.93 4.94
N LEU A 360 8.60 -17.62 5.25
CA LEU A 360 9.73 -16.80 5.68
C LEU A 360 9.80 -16.73 7.20
N GLY A 361 8.95 -17.47 7.92
CA GLY A 361 9.00 -17.44 9.36
C GLY A 361 8.52 -16.10 9.92
N GLY A 362 8.99 -15.83 11.14
CA GLY A 362 8.50 -14.68 11.88
C GLY A 362 7.21 -14.97 12.64
N ASN A 363 6.80 -13.94 13.41
CA ASN A 363 5.56 -13.98 14.14
C ASN A 363 4.98 -12.57 14.11
N LEU A 364 4.08 -12.38 13.15
CA LEU A 364 3.53 -11.07 12.81
C LEU A 364 2.20 -10.85 13.49
N ILE A 365 2.01 -9.63 13.93
CA ILE A 365 0.71 -9.22 14.42
C ILE A 365 0.13 -8.22 13.42
N ASP A 366 -1.18 -8.01 13.59
CA ASP A 366 -1.89 -6.95 12.87
C ASP A 366 -1.98 -5.76 13.79
N ALA A 367 -1.10 -4.76 13.59
CA ALA A 367 -1.05 -3.53 14.39
C ALA A 367 -1.77 -2.36 13.68
N SER A 368 -2.60 -2.66 12.68
CA SER A 368 -3.28 -1.63 11.92
C SER A 368 -3.98 -0.64 12.84
N ALA A 369 -3.79 0.64 12.55
CA ALA A 369 -4.34 1.72 13.35
C ALA A 369 -5.84 1.90 13.07
N ILE A 370 -6.38 1.29 12.02
CA ILE A 370 -7.83 1.25 11.89
C ILE A 370 -8.37 -0.18 11.97
N LYS A 371 -9.26 -0.44 12.94
CA LYS A 371 -10.00 -1.69 13.06
#